data_1YS2
#
_entry.id   1YS2
#
_cell.length_a   88.930
_cell.length_b   46.233
_cell.length_c   84.729
_cell.angle_alpha   90.00
_cell.angle_beta   121.35
_cell.angle_gamma   90.00
#
_symmetry.space_group_name_H-M   'C 1 2 1'
#
loop_
_entity.id
_entity.type
_entity.pdbx_description
1 polymer Lipase
2 non-polymer 'CALCIUM ION'
3 non-polymer 'HEXYLPHOSPHONIC ACID (S)-2-METHYL-3-PHENYLPROPYL ESTER'
4 water water
#
_entity_poly.entity_id   1
_entity_poly.type   'polypeptide(L)'
_entity_poly.pdbx_seq_one_letter_code
;ADNYAATRYPIILVHGLTGTDKYAGVLEYWYGIQEDLQQRGATVYVANLSGFQSDDGPNGRGEQLLAYVKTVLAATGATK
VNLVGHSQGGLTSRYVAAVAPDLVASVTTIGTPHRGSEFADFVQGVLAYDPTGLSSTVIAAFVNVFGILTSSSNNTNQDA
LAALKTLTTAQAATYNQNYPSAGLGAPGSCQTGAPTETVGGNTHLLYSWAGTAIQPTISVGGVTGATDTSTIPLVDPANA
LDPSTLALFGTGTVMVNRGSGQNDGVVSKCSALYGQVLSTSYKWNHLDEINQLLGVRGANAEDPVAVIRTHANRLKLAGV
;
_entity_poly.pdbx_strand_id   X
#
loop_
_chem_comp.id
_chem_comp.type
_chem_comp.name
_chem_comp.formula
2HS non-polymer 'HEXYLPHOSPHONIC ACID (S)-2-METHYL-3-PHENYLPROPYL ESTER' 'C16 H27 O3 P'
CA non-polymer 'CALCIUM ION' 'Ca 2'
#
# COMPACT_ATOMS: atom_id res chain seq x y z
N ALA A 1 -3.75 3.66 28.25
CA ALA A 1 -3.80 2.27 27.71
C ALA A 1 -5.06 1.51 28.07
N ASP A 2 -5.50 0.72 27.09
CA ASP A 2 -6.73 -0.03 27.18
C ASP A 2 -6.65 -1.14 26.11
N ASN A 3 -7.78 -1.77 25.84
CA ASN A 3 -7.87 -2.84 24.84
C ASN A 3 -8.72 -2.48 23.62
N TYR A 4 -8.81 -1.20 23.31
CA TYR A 4 -9.60 -0.75 22.15
C TYR A 4 -9.21 -1.45 20.86
N ALA A 5 -7.91 -1.67 20.68
CA ALA A 5 -7.38 -2.29 19.45
C ALA A 5 -7.02 -3.76 19.60
N ALA A 6 -7.45 -4.41 20.70
CA ALA A 6 -7.17 -5.82 20.90
C ALA A 6 -8.02 -6.60 19.94
N THR A 7 -7.40 -7.47 19.17
CA THR A 7 -8.10 -8.33 18.23
C THR A 7 -7.86 -9.79 18.62
N ARG A 8 -8.70 -10.67 18.12
CA ARG A 8 -8.54 -12.09 18.33
C ARG A 8 -7.27 -12.63 17.69
N TYR A 9 -6.98 -12.17 16.47
CA TYR A 9 -5.84 -12.64 15.71
C TYR A 9 -4.80 -11.53 15.59
N PRO A 10 -3.51 -11.85 15.65
CA PRO A 10 -2.48 -10.83 15.52
C PRO A 10 -2.57 -10.06 14.23
N ILE A 11 -2.27 -8.78 14.31
CA ILE A 11 -2.20 -7.91 13.14
C ILE A 11 -0.78 -7.95 12.60
N ILE A 12 -0.64 -8.10 11.30
CA ILE A 12 0.65 -7.91 10.63
C ILE A 12 0.52 -6.74 9.65
N LEU A 13 1.36 -5.73 9.84
CA LEU A 13 1.43 -4.58 8.95
C LEU A 13 2.40 -4.90 7.84
N VAL A 14 1.98 -4.67 6.60
CA VAL A 14 2.75 -5.08 5.42
C VAL A 14 3.06 -3.90 4.49
N HIS A 15 4.33 -3.51 4.46
CA HIS A 15 4.80 -2.38 3.65
C HIS A 15 4.80 -2.70 2.16
N GLY A 16 4.89 -1.64 1.37
CA GLY A 16 4.95 -1.70 -0.08
C GLY A 16 6.32 -1.42 -0.63
N LEU A 17 6.33 -0.90 -1.84
CA LEU A 17 7.51 -0.56 -2.64
C LEU A 17 8.45 0.34 -1.85
N THR A 18 9.75 0.06 -1.96
CA THR A 18 10.87 0.73 -1.28
C THR A 18 11.03 0.33 0.16
N GLY A 19 10.04 -0.33 0.74
CA GLY A 19 9.94 -0.43 2.17
C GLY A 19 10.71 -1.57 2.81
N THR A 20 10.51 -1.61 4.11
CA THR A 20 11.18 -2.46 5.10
C THR A 20 10.47 -2.06 6.41
N ASP A 21 10.66 -2.80 7.50
CA ASP A 21 10.06 -2.36 8.76
C ASP A 21 10.64 -0.99 9.19
N LYS A 22 11.95 -0.83 9.04
CA LYS A 22 12.64 0.38 9.49
C LYS A 22 13.74 0.72 8.48
N TYR A 23 13.59 1.85 7.78
CA TYR A 23 14.60 2.31 6.84
C TYR A 23 15.93 2.60 7.57
N ALA A 24 16.99 1.93 7.10
CA ALA A 24 18.33 2.00 7.68
C ALA A 24 18.32 1.65 9.17
N GLY A 25 17.37 0.82 9.59
CA GLY A 25 17.15 0.55 11.01
C GLY A 25 16.76 1.74 11.86
N VAL A 26 16.41 2.88 11.26
CA VAL A 26 16.11 4.13 11.98
C VAL A 26 14.68 4.66 11.77
N LEU A 27 14.17 4.64 10.55
CA LEU A 27 12.89 5.27 10.28
C LEU A 27 11.80 4.22 10.06
N GLU A 28 10.85 4.13 10.98
CA GLU A 28 9.72 3.20 10.85
C GLU A 28 8.93 3.54 9.59
N TYR A 29 8.66 2.53 8.77
CA TYR A 29 7.76 2.73 7.62
C TYR A 29 6.38 3.16 8.12
N TRP A 30 5.85 2.40 9.09
CA TRP A 30 4.53 2.68 9.66
C TRP A 30 4.72 3.61 10.83
N TYR A 31 4.90 4.90 10.55
CA TYR A 31 5.44 5.85 11.55
C TYR A 31 4.53 6.01 12.78
N GLY A 32 5.03 5.55 13.93
CA GLY A 32 4.30 5.64 15.18
C GLY A 32 3.10 4.74 15.33
N ILE A 33 2.83 3.90 14.32
CA ILE A 33 1.59 3.14 14.28
C ILE A 33 1.65 1.85 15.12
N GLN A 34 2.76 1.11 15.05
CA GLN A 34 2.88 -0.07 15.92
C GLN A 34 2.75 0.34 17.38
N GLU A 35 3.44 1.42 17.75
CA GLU A 35 3.40 1.93 19.14
C GLU A 35 1.99 2.27 19.58
N ASP A 36 1.27 3.01 18.74
CA ASP A 36 -0.10 3.41 19.06
C ASP A 36 -1.00 2.18 19.25
N LEU A 37 -0.94 1.24 18.30
CA LEU A 37 -1.77 0.06 18.38
C LEU A 37 -1.46 -0.78 19.63
N GLN A 38 -0.18 -0.94 19.92
CA GLN A 38 0.23 -1.70 21.10
C GLN A 38 -0.23 -1.03 22.41
N GLN A 39 -0.21 0.30 22.46
CA GLN A 39 -0.69 1.06 23.62
C GLN A 39 -2.17 0.81 23.83
N ARG A 40 -2.89 0.47 22.76
CA ARG A 40 -4.31 0.22 22.81
C ARG A 40 -4.64 -1.28 22.78
N GLY A 41 -3.65 -2.10 23.13
CA GLY A 41 -3.88 -3.51 23.43
C GLY A 41 -3.74 -4.49 22.28
N ALA A 42 -3.32 -3.99 21.12
CA ALA A 42 -3.14 -4.83 19.96
C ALA A 42 -1.88 -5.67 20.02
N THR A 43 -1.95 -6.84 19.40
CA THR A 43 -0.80 -7.66 19.14
C THR A 43 -0.43 -7.40 17.67
N VAL A 44 0.67 -6.70 17.44
CA VAL A 44 1.02 -6.20 16.11
C VAL A 44 2.45 -6.50 15.76
N TYR A 45 2.65 -7.08 14.58
CA TYR A 45 3.96 -7.36 14.05
C TYR A 45 4.13 -6.59 12.74
N VAL A 46 5.36 -6.23 12.42
CA VAL A 46 5.65 -5.48 11.21
C VAL A 46 6.57 -6.30 10.31
N ALA A 47 6.02 -6.70 9.16
CA ALA A 47 6.80 -7.44 8.19
C ALA A 47 7.98 -6.64 7.64
N ASN A 48 9.03 -7.37 7.28
CA ASN A 48 10.23 -6.82 6.64
C ASN A 48 10.51 -7.63 5.39
N LEU A 49 10.04 -7.15 4.24
CA LEU A 49 10.13 -7.86 2.97
C LEU A 49 11.04 -7.10 2.01
N SER A 50 11.37 -7.71 0.88
CA SER A 50 12.08 -7.00 -0.16
C SER A 50 11.32 -5.73 -0.50
N GLY A 51 12.02 -4.59 -0.53
CA GLY A 51 11.44 -3.35 -0.96
C GLY A 51 11.16 -3.31 -2.45
N PHE A 52 11.88 -4.14 -3.19
CA PHE A 52 11.77 -4.19 -4.66
C PHE A 52 11.69 -5.65 -5.07
N GLN A 53 10.50 -6.11 -5.42
CA GLN A 53 10.28 -7.46 -5.94
C GLN A 53 8.86 -7.59 -6.49
N SER A 54 8.60 -8.65 -7.24
CA SER A 54 7.23 -9.03 -7.53
C SER A 54 6.61 -9.57 -6.25
N ASP A 55 5.31 -9.76 -6.26
CA ASP A 55 4.65 -10.45 -5.16
C ASP A 55 4.54 -11.95 -5.35
N ASP A 56 4.43 -12.40 -6.59
CA ASP A 56 4.51 -13.82 -6.89
C ASP A 56 5.97 -14.24 -7.11
N GLY A 57 6.17 -15.53 -7.36
CA GLY A 57 7.48 -16.09 -7.58
C GLY A 57 8.09 -16.72 -6.36
N PRO A 58 9.00 -17.69 -6.52
CA PRO A 58 9.57 -18.37 -5.35
C PRO A 58 10.31 -17.42 -4.40
N ASN A 59 10.89 -16.36 -4.92
CA ASN A 59 11.55 -15.39 -4.03
C ASN A 59 10.90 -14.01 -4.03
N GLY A 60 9.61 -14.02 -4.35
CA GLY A 60 8.81 -12.81 -4.31
C GLY A 60 8.37 -12.46 -2.90
N ARG A 61 7.72 -11.32 -2.80
CA ARG A 61 7.29 -10.80 -1.51
C ARG A 61 6.20 -11.64 -0.86
N GLY A 62 5.38 -12.29 -1.68
CA GLY A 62 4.33 -13.14 -1.18
C GLY A 62 4.82 -14.33 -0.39
N GLU A 63 5.79 -15.05 -0.94
CA GLU A 63 6.37 -16.18 -0.20
C GLU A 63 7.14 -15.72 1.04
N GLN A 64 7.76 -14.55 0.98
CA GLN A 64 8.44 -13.97 2.13
C GLN A 64 7.39 -13.71 3.22
N LEU A 65 6.27 -13.11 2.83
CA LEU A 65 5.25 -12.79 3.81
C LEU A 65 4.63 -14.07 4.38
N LEU A 66 4.41 -15.09 3.55
CA LEU A 66 3.91 -16.37 4.03
C LEU A 66 4.81 -16.94 5.10
N ALA A 67 6.12 -16.96 4.83
CA ALA A 67 7.06 -17.46 5.83
C ALA A 67 6.99 -16.66 7.12
N TYR A 68 6.88 -15.35 7.00
CA TYR A 68 6.81 -14.48 8.18
C TYR A 68 5.54 -14.75 8.98
N VAL A 69 4.40 -14.91 8.30
CA VAL A 69 3.16 -15.24 8.96
C VAL A 69 3.31 -16.50 9.80
N LYS A 70 3.95 -17.51 9.24
CA LYS A 70 4.14 -18.75 9.98
C LYS A 70 4.99 -18.54 11.24
N THR A 71 5.99 -17.68 11.17
CA THR A 71 6.78 -17.40 12.37
C THR A 71 5.98 -16.63 13.43
N VAL A 72 5.08 -15.75 12.99
CA VAL A 72 4.25 -15.00 13.92
C VAL A 72 3.24 -15.92 14.60
N LEU A 73 2.64 -16.83 13.85
CA LEU A 73 1.74 -17.83 14.42
C LEU A 73 2.46 -18.72 15.43
N ALA A 74 3.68 -19.15 15.11
CA ALA A 74 4.46 -19.99 16.05
C ALA A 74 4.78 -19.19 17.33
N ALA A 75 5.11 -17.92 17.20
CA ALA A 75 5.51 -17.10 18.34
C ALA A 75 4.33 -16.79 19.27
N THR A 76 3.16 -16.52 18.68
CA THR A 76 1.98 -16.09 19.43
C THR A 76 1.09 -17.24 19.90
N GLY A 77 1.21 -18.39 19.26
CA GLY A 77 0.28 -19.50 19.44
C GLY A 77 -1.05 -19.31 18.73
N ALA A 78 -1.17 -18.24 17.94
CA ALA A 78 -2.40 -17.97 17.22
C ALA A 78 -2.47 -18.87 15.97
N THR A 79 -3.67 -18.97 15.40
CA THR A 79 -3.88 -19.81 14.20
C THR A 79 -4.11 -19.05 12.91
N LYS A 80 -4.39 -17.76 13.01
CA LYS A 80 -4.62 -16.89 11.85
C LYS A 80 -4.11 -15.50 12.14
N VAL A 81 -3.94 -14.71 11.10
CA VAL A 81 -3.56 -13.29 11.22
C VAL A 81 -4.51 -12.38 10.47
N ASN A 82 -4.51 -11.12 10.90
CA ASN A 82 -5.13 -10.02 10.18
C ASN A 82 -4.04 -9.27 9.41
N LEU A 83 -4.12 -9.28 8.08
CA LEU A 83 -3.13 -8.62 7.25
C LEU A 83 -3.59 -7.22 6.89
N VAL A 84 -2.73 -6.23 7.11
CA VAL A 84 -3.03 -4.84 6.81
C VAL A 84 -1.90 -4.37 5.92
N GLY A 85 -2.18 -4.14 4.65
CA GLY A 85 -1.16 -3.80 3.68
C GLY A 85 -1.31 -2.40 3.14
N HIS A 86 -0.19 -1.68 3.02
CA HIS A 86 -0.14 -0.38 2.36
C HIS A 86 0.42 -0.52 0.98
N SER A 87 -0.22 0.10 0.00
CA SER A 87 0.32 0.12 -1.34
C SER A 87 0.54 -1.31 -1.83
N GLN A 88 1.72 -1.67 -2.32
CA GLN A 88 1.97 -3.03 -2.83
C GLN A 88 1.76 -4.07 -1.74
N GLY A 89 1.92 -3.69 -0.47
CA GLY A 89 1.68 -4.62 0.60
C GLY A 89 0.27 -5.19 0.61
N GLY A 90 -0.70 -4.46 0.07
CA GLY A 90 -2.02 -5.01 -0.12
C GLY A 90 -2.05 -6.15 -1.14
N LEU A 91 -1.24 -6.04 -2.20
CA LEU A 91 -1.13 -7.11 -3.18
C LEU A 91 -0.45 -8.32 -2.57
N THR A 92 0.57 -8.08 -1.75
CA THR A 92 1.26 -9.18 -1.06
C THR A 92 0.32 -9.91 -0.11
N SER A 93 -0.51 -9.14 0.57
CA SER A 93 -1.49 -9.68 1.51
C SER A 93 -2.53 -10.53 0.77
N ARG A 94 -2.99 -10.07 -0.40
CA ARG A 94 -3.87 -10.86 -1.24
C ARG A 94 -3.23 -12.20 -1.64
N TYR A 95 -1.94 -12.17 -1.95
CA TYR A 95 -1.23 -13.41 -2.29
C TYR A 95 -1.32 -14.41 -1.17
N VAL A 96 -0.99 -13.99 0.06
CA VAL A 96 -1.00 -14.91 1.20
C VAL A 96 -2.42 -15.42 1.49
N ALA A 97 -3.42 -14.56 1.36
CA ALA A 97 -4.81 -14.98 1.59
C ALA A 97 -5.24 -16.03 0.58
N ALA A 98 -4.72 -15.95 -0.64
CA ALA A 98 -5.05 -16.87 -1.73
C ALA A 98 -4.34 -18.20 -1.56
N VAL A 99 -3.07 -18.17 -1.20
CA VAL A 99 -2.27 -19.41 -1.18
C VAL A 99 -2.30 -20.13 0.18
N ALA A 100 -2.62 -19.40 1.25
CA ALA A 100 -2.69 -19.95 2.61
C ALA A 100 -3.97 -19.43 3.29
N PRO A 101 -5.14 -19.73 2.73
CA PRO A 101 -6.39 -19.15 3.24
C PRO A 101 -6.72 -19.53 4.69
N ASP A 102 -6.22 -20.67 5.13
CA ASP A 102 -6.41 -21.12 6.52
C ASP A 102 -5.64 -20.29 7.54
N LEU A 103 -4.66 -19.50 7.08
CA LEU A 103 -3.82 -18.71 7.99
C LEU A 103 -4.23 -17.25 8.11
N VAL A 104 -5.29 -16.87 7.42
CA VAL A 104 -5.69 -15.46 7.31
C VAL A 104 -7.12 -15.32 7.77
N ALA A 105 -7.37 -14.31 8.62
CA ALA A 105 -8.72 -13.95 9.05
C ALA A 105 -9.28 -12.73 8.32
N SER A 106 -8.41 -11.83 7.87
CA SER A 106 -8.85 -10.62 7.18
C SER A 106 -7.71 -10.05 6.35
N VAL A 107 -8.10 -9.25 5.36
CA VAL A 107 -7.18 -8.51 4.51
C VAL A 107 -7.72 -7.10 4.38
N THR A 108 -6.90 -6.14 4.76
CA THR A 108 -7.21 -4.73 4.66
C THR A 108 -6.16 -4.08 3.79
N THR A 109 -6.55 -3.31 2.80
CA THR A 109 -5.62 -2.65 1.90
C THR A 109 -5.79 -1.14 1.96
N ILE A 110 -4.67 -0.45 2.06
CA ILE A 110 -4.62 1.00 2.22
C ILE A 110 -3.85 1.55 1.04
N GLY A 111 -4.51 2.28 0.14
CA GLY A 111 -3.84 2.85 -1.02
C GLY A 111 -3.15 1.81 -1.89
N THR A 112 -3.80 0.66 -2.07
CA THR A 112 -3.19 -0.45 -2.80
C THR A 112 -3.59 -0.38 -4.26
N PRO A 113 -2.60 -0.42 -5.16
CA PRO A 113 -2.91 -0.37 -6.59
C PRO A 113 -3.35 -1.74 -7.12
N HIS A 114 -4.58 -2.15 -6.74
CA HIS A 114 -5.10 -3.41 -7.23
C HIS A 114 -5.17 -3.46 -8.75
N ARG A 115 -5.32 -2.30 -9.40
CA ARG A 115 -5.35 -2.21 -10.87
C ARG A 115 -4.09 -1.54 -11.41
N GLY A 116 -3.04 -1.50 -10.61
CA GLY A 116 -1.80 -0.87 -11.04
C GLY A 116 -1.84 0.65 -10.90
N SER A 117 -0.75 1.27 -11.30
CA SER A 117 -0.55 2.71 -11.22
C SER A 117 -0.17 3.28 -12.57
N GLU A 118 -0.87 4.33 -12.97
CA GLU A 118 -0.52 5.08 -14.17
C GLU A 118 0.87 5.71 -14.06
N PHE A 119 1.33 5.97 -12.83
CA PHE A 119 2.69 6.46 -12.62
C PHE A 119 3.75 5.39 -12.92
N ALA A 120 3.48 4.14 -12.58
CA ALA A 120 4.37 3.05 -13.01
C ALA A 120 4.36 2.91 -14.53
N ASP A 121 3.19 3.06 -15.16
CA ASP A 121 3.12 2.99 -16.62
C ASP A 121 4.02 4.07 -17.23
N PHE A 122 3.96 5.24 -16.63
CA PHE A 122 4.77 6.39 -17.07
C PHE A 122 6.25 6.07 -16.98
N VAL A 123 6.71 5.62 -15.83
CA VAL A 123 8.14 5.39 -15.61
C VAL A 123 8.64 4.27 -16.53
N GLN A 124 7.89 3.18 -16.62
CA GLN A 124 8.25 2.10 -17.50
C GLN A 124 8.30 2.58 -18.94
N GLY A 125 7.37 3.44 -19.32
CA GLY A 125 7.33 4.00 -20.65
C GLY A 125 8.52 4.89 -20.95
N VAL A 126 8.94 5.68 -19.96
CA VAL A 126 10.11 6.55 -20.11
C VAL A 126 11.33 5.71 -20.47
N LEU A 127 11.50 4.56 -19.81
CA LEU A 127 12.66 3.72 -20.01
C LEU A 127 12.75 3.20 -21.46
N ALA A 128 11.59 3.00 -22.11
CA ALA A 128 11.56 2.54 -23.51
C ALA A 128 12.15 3.53 -24.52
N TYR A 129 12.30 4.79 -24.13
CA TYR A 129 12.87 5.81 -24.98
C TYR A 129 14.39 5.84 -24.99
N ASP A 130 15.02 4.94 -24.23
CA ASP A 130 16.45 4.70 -24.37
C ASP A 130 16.67 3.51 -25.29
N PRO A 131 17.01 3.75 -26.55
CA PRO A 131 17.16 2.64 -27.51
C PRO A 131 18.31 1.71 -27.20
N THR A 132 19.23 2.11 -26.32
CA THR A 132 20.30 1.21 -25.91
C THR A 132 19.93 0.29 -24.75
N GLY A 133 18.83 0.63 -24.06
CA GLY A 133 18.42 -0.06 -22.85
C GLY A 133 19.33 0.16 -21.64
N LEU A 134 20.37 0.98 -21.77
CA LEU A 134 21.33 1.17 -20.67
C LEU A 134 20.71 1.89 -19.47
N SER A 135 19.76 2.76 -19.72
CA SER A 135 19.05 3.47 -18.66
C SER A 135 18.42 2.48 -17.68
N SER A 136 17.82 1.41 -18.20
CA SER A 136 17.17 0.41 -17.35
C SER A 136 18.20 -0.29 -16.47
N THR A 137 19.33 -0.68 -17.06
CA THR A 137 20.35 -1.40 -16.32
C THR A 137 20.96 -0.54 -15.23
N VAL A 138 21.28 0.70 -15.58
CA VAL A 138 21.93 1.61 -14.63
C VAL A 138 20.99 1.98 -13.49
N ILE A 139 19.76 2.35 -13.82
CA ILE A 139 18.84 2.78 -12.79
C ILE A 139 18.40 1.60 -11.94
N ALA A 140 18.23 0.42 -12.53
CA ALA A 140 17.97 -0.78 -11.72
C ALA A 140 19.07 -1.03 -10.69
N ALA A 141 20.33 -0.92 -11.11
CA ALA A 141 21.41 -1.09 -10.17
C ALA A 141 21.33 -0.07 -9.04
N PHE A 142 21.10 1.18 -9.37
CA PHE A 142 20.97 2.24 -8.38
C PHE A 142 19.86 1.93 -7.36
N VAL A 143 18.67 1.60 -7.86
CA VAL A 143 17.53 1.38 -6.99
C VAL A 143 17.69 0.10 -6.18
N ASN A 144 18.25 -0.94 -6.79
CA ASN A 144 18.51 -2.16 -6.04
C ASN A 144 19.46 -1.90 -4.87
N VAL A 145 20.52 -1.12 -5.11
CA VAL A 145 21.44 -0.80 -4.02
C VAL A 145 20.74 0.02 -2.95
N PHE A 146 19.90 0.97 -3.32
CA PHE A 146 19.10 1.70 -2.37
C PHE A 146 18.34 0.71 -1.49
N GLY A 147 17.73 -0.32 -2.11
CA GLY A 147 17.02 -1.33 -1.33
C GLY A 147 17.86 -2.08 -0.34
N ILE A 148 19.06 -2.49 -0.75
CA ILE A 148 19.98 -3.21 0.13
C ILE A 148 20.40 -2.33 1.28
N LEU A 149 20.73 -1.07 0.99
CA LEU A 149 21.24 -0.16 2.00
C LEU A 149 20.18 0.23 3.02
N THR A 150 18.92 0.36 2.57
CA THR A 150 17.86 0.87 3.48
C THR A 150 17.10 -0.26 4.16
N SER A 151 17.10 -1.45 3.59
CA SER A 151 16.52 -2.62 4.25
C SER A 151 17.11 -2.73 5.64
N SER A 152 16.28 -2.94 6.65
CA SER A 152 16.79 -3.07 8.02
C SER A 152 17.70 -4.27 8.21
N SER A 153 17.58 -5.27 7.33
CA SER A 153 18.37 -6.48 7.37
C SER A 153 19.35 -6.57 6.18
N ASN A 154 19.49 -5.47 5.44
CA ASN A 154 20.32 -5.44 4.22
C ASN A 154 20.00 -6.61 3.27
N ASN A 155 18.70 -6.84 3.11
CA ASN A 155 18.19 -7.85 2.20
C ASN A 155 18.72 -7.62 0.78
N THR A 156 19.46 -8.59 0.24
CA THR A 156 20.03 -8.48 -1.09
C THR A 156 19.09 -8.92 -2.20
N ASN A 157 17.91 -9.41 -1.83
CA ASN A 157 16.93 -9.86 -2.79
C ASN A 157 16.12 -8.66 -3.21
N GLN A 158 16.66 -7.90 -4.16
CA GLN A 158 16.03 -6.71 -4.69
C GLN A 158 16.04 -6.76 -6.20
N ASP A 159 14.89 -6.49 -6.80
CA ASP A 159 14.68 -6.49 -8.24
C ASP A 159 13.76 -5.36 -8.63
N ALA A 160 14.36 -4.20 -8.81
CA ALA A 160 13.67 -2.96 -9.09
C ALA A 160 12.87 -3.03 -10.38
N LEU A 161 13.44 -3.64 -11.41
CA LEU A 161 12.70 -3.74 -12.68
C LEU A 161 11.48 -4.61 -12.53
N ALA A 162 11.59 -5.71 -11.80
CA ALA A 162 10.42 -6.55 -11.56
C ALA A 162 9.37 -5.80 -10.74
N ALA A 163 9.79 -5.04 -9.73
CA ALA A 163 8.88 -4.25 -8.90
C ALA A 163 8.11 -3.24 -9.75
N LEU A 164 8.81 -2.54 -10.62
CA LEU A 164 8.17 -1.55 -11.48
C LEU A 164 7.16 -2.22 -12.41
N LYS A 165 7.55 -3.32 -13.04
CA LYS A 165 6.65 -4.02 -13.95
C LYS A 165 5.38 -4.48 -13.21
N THR A 166 5.56 -5.01 -12.00
CA THR A 166 4.48 -5.48 -11.15
C THR A 166 3.39 -4.44 -10.93
N LEU A 167 3.80 -3.18 -10.84
CA LEU A 167 2.90 -2.09 -10.52
C LEU A 167 2.27 -1.38 -11.72
N THR A 168 2.60 -1.80 -12.95
CA THR A 168 1.98 -1.25 -14.14
C THR A 168 0.55 -1.73 -14.23
N THR A 169 -0.27 -0.99 -14.95
CA THR A 169 -1.68 -1.36 -15.08
C THR A 169 -1.87 -2.65 -15.87
N ALA A 170 -1.08 -2.87 -16.91
CA ALA A 170 -1.23 -4.10 -17.68
C ALA A 170 -0.85 -5.32 -16.83
N GLN A 171 0.23 -5.21 -16.05
CA GLN A 171 0.67 -6.34 -15.24
C GLN A 171 -0.28 -6.61 -14.07
N ALA A 172 -0.82 -5.56 -13.46
CA ALA A 172 -1.78 -5.74 -12.38
C ALA A 172 -3.01 -6.49 -12.89
N ALA A 173 -3.42 -6.22 -14.12
CA ALA A 173 -4.57 -6.92 -14.68
C ALA A 173 -4.27 -8.42 -14.80
N THR A 174 -3.07 -8.75 -15.23
CA THR A 174 -2.63 -10.15 -15.25
C THR A 174 -2.57 -10.75 -13.83
N TYR A 175 -2.03 -10.02 -12.87
CA TYR A 175 -2.02 -10.47 -11.47
C TYR A 175 -3.44 -10.84 -10.97
N ASN A 176 -4.42 -10.03 -11.30
CA ASN A 176 -5.78 -10.26 -10.86
C ASN A 176 -6.39 -11.51 -11.53
N GLN A 177 -5.92 -11.84 -12.75
CA GLN A 177 -6.33 -13.09 -13.40
C GLN A 177 -5.67 -14.28 -12.70
N ASN A 178 -4.42 -14.13 -12.28
CA ASN A 178 -3.66 -15.20 -11.63
C ASN A 178 -4.09 -15.42 -10.17
N TYR A 179 -4.57 -14.36 -9.52
CA TYR A 179 -4.91 -14.35 -8.08
C TYR A 179 -6.26 -13.67 -7.94
N PRO A 180 -7.32 -14.27 -8.49
CA PRO A 180 -8.65 -13.65 -8.45
C PRO A 180 -9.12 -13.51 -7.01
N SER A 181 -10.04 -12.57 -6.78
CA SER A 181 -10.57 -12.33 -5.46
C SER A 181 -12.03 -11.92 -5.54
N ALA A 182 -12.84 -12.51 -4.67
CA ALA A 182 -14.22 -12.10 -4.53
C ALA A 182 -14.32 -10.63 -4.10
N GLY A 183 -13.27 -10.07 -3.50
CA GLY A 183 -13.29 -8.67 -3.12
C GLY A 183 -13.07 -7.67 -4.25
N LEU A 184 -12.83 -8.14 -5.47
CA LEU A 184 -12.55 -7.27 -6.59
C LEU A 184 -13.74 -7.22 -7.54
N GLY A 185 -14.04 -6.02 -8.00
CA GLY A 185 -14.99 -5.84 -9.09
C GLY A 185 -14.40 -6.24 -10.41
N ALA A 186 -15.20 -6.14 -11.47
CA ALA A 186 -14.73 -6.44 -12.82
C ALA A 186 -13.65 -5.46 -13.29
N PRO A 187 -12.69 -5.94 -14.10
CA PRO A 187 -11.73 -5.03 -14.72
C PRO A 187 -12.46 -3.91 -15.47
N GLY A 188 -11.98 -2.68 -15.29
CA GLY A 188 -12.53 -1.52 -15.95
C GLY A 188 -13.80 -0.95 -15.35
N SER A 189 -14.28 -1.53 -14.26
CA SER A 189 -15.55 -1.14 -13.65
C SER A 189 -15.46 0.04 -12.68
N CYS A 190 -14.27 0.27 -12.15
CA CYS A 190 -14.12 1.18 -11.01
C CYS A 190 -15.11 0.85 -9.89
N GLN A 191 -15.25 -0.45 -9.62
CA GLN A 191 -16.13 -0.94 -8.59
C GLN A 191 -15.40 -1.90 -7.70
N THR A 192 -15.87 -2.06 -6.48
CA THR A 192 -15.37 -3.08 -5.60
C THR A 192 -16.13 -4.40 -5.80
N GLY A 193 -15.75 -5.40 -5.02
CA GLY A 193 -16.42 -6.70 -4.97
C GLY A 193 -17.15 -6.89 -3.66
N ALA A 194 -17.10 -8.12 -3.14
CA ALA A 194 -17.77 -8.50 -1.91
C ALA A 194 -16.98 -8.11 -0.67
N PRO A 195 -17.66 -7.97 0.47
CA PRO A 195 -17.00 -7.62 1.73
C PRO A 195 -16.31 -8.80 2.41
N THR A 196 -16.58 -10.02 1.97
CA THR A 196 -15.93 -11.22 2.50
C THR A 196 -15.69 -12.19 1.37
N GLU A 197 -14.82 -13.17 1.63
CA GLU A 197 -14.58 -14.30 0.76
C GLU A 197 -14.51 -15.57 1.62
N THR A 198 -14.89 -16.70 1.05
CA THR A 198 -14.64 -17.98 1.70
C THR A 198 -13.81 -18.85 0.71
N VAL A 199 -12.54 -19.14 1.09
CA VAL A 199 -11.57 -19.81 0.24
C VAL A 199 -11.12 -21.08 0.95
N GLY A 200 -11.34 -22.21 0.32
CA GLY A 200 -11.12 -23.50 0.97
C GLY A 200 -11.80 -23.68 2.32
N GLY A 201 -12.95 -23.02 2.54
CA GLY A 201 -13.71 -23.13 3.78
C GLY A 201 -13.31 -22.10 4.84
N ASN A 202 -12.41 -21.20 4.47
CA ASN A 202 -11.92 -20.24 5.42
C ASN A 202 -12.46 -18.88 5.02
N THR A 203 -13.23 -18.25 5.92
CA THR A 203 -13.75 -16.91 5.66
C THR A 203 -12.75 -15.82 6.01
N HIS A 204 -12.62 -14.88 5.08
CA HIS A 204 -11.79 -13.69 5.26
C HIS A 204 -12.66 -12.45 5.18
N LEU A 205 -12.51 -11.54 6.13
CA LEU A 205 -13.14 -10.21 6.06
C LEU A 205 -12.22 -9.30 5.24
N LEU A 206 -12.77 -8.60 4.24
CA LEU A 206 -12.00 -7.81 3.30
C LEU A 206 -12.37 -6.33 3.42
N TYR A 207 -11.36 -5.46 3.47
CA TYR A 207 -11.57 -4.04 3.66
C TYR A 207 -10.58 -3.22 2.87
N SER A 208 -10.94 -2.00 2.55
CA SER A 208 -9.98 -1.07 1.95
C SER A 208 -10.33 0.37 2.26
N TRP A 209 -9.31 1.21 2.12
CA TRP A 209 -9.51 2.64 1.95
C TRP A 209 -8.47 3.22 1.05
N ALA A 210 -8.74 4.45 0.61
CA ALA A 210 -7.94 5.20 -0.34
C ALA A 210 -7.81 6.63 0.11
N GLY A 211 -6.68 7.25 -0.24
CA GLY A 211 -6.52 8.69 -0.17
C GLY A 211 -6.77 9.37 -1.50
N THR A 212 -7.49 10.49 -1.47
CA THR A 212 -7.77 11.23 -2.67
C THR A 212 -7.46 12.71 -2.51
N ALA A 213 -6.31 13.02 -1.93
CA ALA A 213 -5.91 14.43 -1.83
C ALA A 213 -5.80 15.08 -3.20
N ILE A 214 -5.32 14.33 -4.19
CA ILE A 214 -5.03 14.92 -5.49
C ILE A 214 -6.27 14.84 -6.37
N GLN A 215 -6.89 16.00 -6.60
CA GLN A 215 -8.15 16.08 -7.34
C GLN A 215 -7.91 16.80 -8.66
N PRO A 216 -8.45 16.28 -9.75
CA PRO A 216 -8.40 17.03 -11.01
C PRO A 216 -9.38 18.21 -10.87
N THR A 217 -8.97 19.43 -11.15
CA THR A 217 -9.89 20.57 -10.90
C THR A 217 -10.07 21.57 -12.03
N ILE A 218 -9.26 21.42 -13.08
CA ILE A 218 -9.39 22.29 -14.24
C ILE A 218 -8.85 21.61 -15.48
N SER A 219 -9.45 21.90 -16.62
CA SER A 219 -9.00 21.39 -17.90
C SER A 219 -8.86 22.56 -18.89
N VAL A 220 -7.64 22.84 -19.32
CA VAL A 220 -7.42 23.92 -20.27
C VAL A 220 -6.50 23.45 -21.40
N GLY A 221 -7.03 23.50 -22.62
CA GLY A 221 -6.30 23.11 -23.80
C GLY A 221 -5.79 21.68 -23.73
N GLY A 222 -6.61 20.76 -23.23
CA GLY A 222 -6.24 19.35 -23.17
C GLY A 222 -5.40 18.94 -21.97
N VAL A 223 -4.88 19.92 -21.23
CA VAL A 223 -4.05 19.71 -20.05
C VAL A 223 -4.92 19.81 -18.81
N THR A 224 -4.81 18.82 -17.93
CA THR A 224 -5.54 18.82 -16.66
C THR A 224 -4.67 19.30 -15.51
N GLY A 225 -5.17 20.25 -14.73
CA GLY A 225 -4.50 20.68 -13.51
C GLY A 225 -5.15 20.04 -12.30
N ALA A 226 -4.35 19.86 -11.26
CA ALA A 226 -4.84 19.29 -10.02
C ALA A 226 -4.74 20.27 -8.86
N THR A 227 -5.43 19.89 -7.79
CA THR A 227 -5.38 20.57 -6.51
C THR A 227 -5.07 19.56 -5.43
N ASP A 228 -4.16 19.91 -4.54
CA ASP A 228 -3.88 19.13 -3.35
C ASP A 228 -4.83 19.55 -2.24
N THR A 229 -5.95 18.83 -2.12
CA THR A 229 -6.96 19.17 -1.12
C THR A 229 -6.55 18.88 0.32
N SER A 230 -5.41 18.20 0.52
CA SER A 230 -4.90 17.99 1.87
C SER A 230 -4.38 19.28 2.51
N THR A 231 -4.09 20.28 1.67
CA THR A 231 -3.41 21.50 2.14
C THR A 231 -4.26 22.76 2.11
N ILE A 232 -3.94 23.67 3.04
CA ILE A 232 -4.32 25.06 2.87
C ILE A 232 -3.54 25.52 1.63
N PRO A 233 -4.19 26.08 0.62
CA PRO A 233 -3.52 26.39 -0.64
C PRO A 233 -2.20 27.16 -0.50
N LEU A 234 -1.14 26.54 -1.03
CA LEU A 234 0.22 27.05 -1.07
C LEU A 234 0.95 27.18 0.27
N VAL A 235 0.33 27.86 1.22
CA VAL A 235 0.97 28.26 2.47
C VAL A 235 1.07 27.17 3.54
N ASP A 236 0.42 26.03 3.31
CA ASP A 236 0.39 24.96 4.30
C ASP A 236 1.82 24.54 4.68
N PRO A 237 2.15 24.54 5.96
CA PRO A 237 3.51 24.15 6.35
C PRO A 237 3.92 22.72 5.96
N ALA A 238 2.95 21.87 5.66
CA ALA A 238 3.25 20.54 5.16
C ALA A 238 4.00 20.59 3.84
N ASN A 239 3.77 21.62 3.04
CA ASN A 239 4.54 21.80 1.80
C ASN A 239 6.02 22.05 2.06
N ALA A 240 6.32 22.68 3.21
CA ALA A 240 7.69 23.02 3.63
C ALA A 240 8.40 21.92 4.38
N LEU A 241 7.70 21.26 5.29
CA LEU A 241 8.33 20.38 6.26
C LEU A 241 8.22 18.90 5.92
N ASP A 242 7.56 18.56 4.80
CA ASP A 242 7.46 17.18 4.32
C ASP A 242 7.69 17.23 2.83
N PRO A 243 8.86 16.83 2.35
CA PRO A 243 9.17 16.92 0.92
C PRO A 243 8.26 16.05 0.05
N SER A 244 7.63 15.03 0.62
CA SER A 244 6.71 14.20 -0.16
C SER A 244 5.40 14.90 -0.53
N THR A 245 5.05 16.00 0.14
CA THR A 245 3.78 16.67 -0.14
C THR A 245 3.78 17.19 -1.56
N LEU A 246 4.76 18.02 -1.89
CA LEU A 246 4.85 18.57 -3.24
C LEU A 246 5.26 17.50 -4.24
N ALA A 247 6.09 16.54 -3.84
CA ALA A 247 6.48 15.49 -4.79
C ALA A 247 5.25 14.70 -5.23
N LEU A 248 4.37 14.39 -4.30
CA LEU A 248 3.16 13.63 -4.64
C LEU A 248 2.12 14.46 -5.38
N PHE A 249 2.13 15.77 -5.18
CA PHE A 249 1.32 16.64 -6.04
C PHE A 249 1.82 16.59 -7.48
N GLY A 250 3.14 16.58 -7.65
CA GLY A 250 3.77 16.45 -8.95
C GLY A 250 3.44 15.15 -9.65
N THR A 251 3.65 14.02 -8.97
CA THR A 251 3.32 12.72 -9.57
C THR A 251 1.82 12.59 -9.79
N GLY A 252 1.02 13.18 -8.90
CA GLY A 252 -0.42 13.16 -9.04
C GLY A 252 -0.91 13.93 -10.23
N THR A 253 -0.17 14.97 -10.61
CA THR A 253 -0.45 15.75 -11.81
C THR A 253 -0.16 14.91 -13.04
N VAL A 254 0.94 14.15 -13.03
CA VAL A 254 1.20 13.20 -14.10
C VAL A 254 0.04 12.21 -14.18
N MET A 255 -0.38 11.70 -13.05
CA MET A 255 -1.46 10.71 -12.99
C MET A 255 -2.74 11.23 -13.66
N VAL A 256 -3.19 12.43 -13.30
CA VAL A 256 -4.46 12.93 -13.83
C VAL A 256 -4.35 13.20 -15.33
N ASN A 257 -3.15 13.52 -15.80
CA ASN A 257 -2.93 13.69 -17.24
C ASN A 257 -2.76 12.36 -18.01
N ARG A 258 -2.80 11.24 -17.30
CA ARG A 258 -2.93 9.90 -17.88
C ARG A 258 -4.31 9.30 -17.63
N GLY A 259 -5.28 10.14 -17.27
CA GLY A 259 -6.66 9.74 -17.07
C GLY A 259 -6.97 9.03 -15.77
N SER A 260 -6.12 9.17 -14.76
CA SER A 260 -6.35 8.43 -13.51
C SER A 260 -7.56 8.87 -12.71
N GLY A 261 -7.96 10.11 -12.85
CA GLY A 261 -8.91 10.70 -11.94
C GLY A 261 -8.27 10.96 -10.58
N GLN A 262 -9.10 11.23 -9.57
CA GLN A 262 -8.63 11.52 -8.23
C GLN A 262 -7.69 10.40 -7.72
N ASN A 263 -6.67 10.80 -6.98
CA ASN A 263 -5.60 9.86 -6.60
C ASN A 263 -4.86 10.39 -5.40
N ASP A 264 -3.91 9.60 -4.89
CA ASP A 264 -3.11 9.98 -3.72
C ASP A 264 -1.69 10.40 -4.12
N GLY A 265 -1.46 10.60 -5.42
CA GLY A 265 -0.15 10.86 -5.95
C GLY A 265 0.39 9.73 -6.81
N VAL A 266 0.10 8.49 -6.43
CA VAL A 266 0.58 7.32 -7.19
C VAL A 266 -0.43 6.18 -7.35
N VAL A 267 -1.58 6.26 -6.67
CA VAL A 267 -2.62 5.25 -6.78
C VAL A 267 -3.97 5.96 -6.91
N SER A 268 -4.73 5.61 -7.93
CA SER A 268 -6.05 6.19 -8.17
C SER A 268 -7.11 5.60 -7.26
N LYS A 269 -8.19 6.33 -7.05
CA LYS A 269 -9.31 5.84 -6.31
C LYS A 269 -9.79 4.49 -6.88
N CYS A 270 -10.00 4.44 -8.17
CA CYS A 270 -10.47 3.22 -8.80
C CYS A 270 -9.55 2.03 -8.59
N SER A 271 -8.25 2.27 -8.67
CA SER A 271 -7.28 1.19 -8.50
C SER A 271 -7.31 0.64 -7.08
N ALA A 272 -7.63 1.49 -6.10
CA ALA A 272 -7.58 1.17 -4.67
C ALA A 272 -8.76 0.36 -4.15
N LEU A 273 -9.83 0.23 -4.94
CA LEU A 273 -11.06 -0.39 -4.43
C LEU A 273 -10.94 -1.89 -4.23
N TYR A 274 -11.31 -2.36 -3.04
CA TYR A 274 -11.26 -3.78 -2.68
C TYR A 274 -12.11 -4.06 -1.46
N GLY A 275 -12.87 -5.15 -1.51
CA GLY A 275 -13.63 -5.55 -0.35
C GLY A 275 -14.64 -4.50 0.08
N GLN A 276 -14.85 -4.41 1.40
CA GLN A 276 -15.68 -3.36 1.98
C GLN A 276 -14.88 -2.06 1.97
N VAL A 277 -15.29 -1.12 1.12
CA VAL A 277 -14.60 0.13 0.93
C VAL A 277 -15.07 1.08 2.02
N LEU A 278 -14.22 1.29 3.02
CA LEU A 278 -14.60 2.08 4.19
C LEU A 278 -14.66 3.57 3.90
N SER A 279 -13.75 4.03 3.06
CA SER A 279 -13.74 5.43 2.58
C SER A 279 -12.75 5.58 1.46
N THR A 280 -13.09 6.46 0.52
CA THR A 280 -12.16 6.96 -0.49
C THR A 280 -12.08 8.47 -0.45
N SER A 281 -12.49 9.06 0.67
CA SER A 281 -12.64 10.52 0.78
C SER A 281 -11.57 11.18 1.64
N TYR A 282 -10.68 10.40 2.23
CA TYR A 282 -9.59 10.97 3.03
C TYR A 282 -8.78 11.93 2.19
N LYS A 283 -8.52 13.12 2.74
CA LYS A 283 -7.74 14.12 2.02
C LYS A 283 -6.28 13.86 2.30
N TRP A 284 -5.80 12.74 1.73
CA TRP A 284 -4.46 12.20 1.97
C TRP A 284 -3.73 11.93 0.67
N ASN A 285 -2.44 12.26 0.67
CA ASN A 285 -1.53 11.70 -0.30
C ASN A 285 -1.02 10.34 0.18
N HIS A 286 -0.28 9.67 -0.68
CA HIS A 286 0.06 8.27 -0.48
C HIS A 286 0.84 8.03 0.82
N LEU A 287 1.72 8.96 1.18
CA LEU A 287 2.52 8.80 2.39
C LEU A 287 1.76 9.23 3.66
N ASP A 288 0.79 10.15 3.53
CA ASP A 288 -0.08 10.47 4.66
C ASP A 288 -0.79 9.22 5.20
N GLU A 289 -1.06 8.25 4.33
CA GLU A 289 -1.74 7.04 4.71
C GLU A 289 -0.99 6.23 5.75
N ILE A 290 0.33 6.39 5.79
CA ILE A 290 1.21 5.69 6.75
C ILE A 290 1.86 6.70 7.71
N ASN A 291 1.22 7.84 7.88
CA ASN A 291 1.66 8.87 8.85
C ASN A 291 3.06 9.42 8.51
N GLN A 292 3.33 9.57 7.21
CA GLN A 292 4.66 10.01 6.75
C GLN A 292 4.54 11.35 5.99
N LEU A 293 5.65 12.07 5.85
CA LEU A 293 6.94 11.77 6.46
C LEU A 293 6.99 12.34 7.87
N LEU A 294 7.39 11.48 8.81
CA LEU A 294 7.57 11.87 10.22
C LEU A 294 6.33 12.54 10.81
N GLY A 295 5.17 12.06 10.43
CA GLY A 295 3.90 12.50 10.99
C GLY A 295 3.33 13.80 10.45
N VAL A 296 3.99 14.39 9.45
CA VAL A 296 3.55 15.65 8.87
C VAL A 296 2.46 15.39 7.82
N ARG A 297 1.35 16.11 7.94
CA ARG A 297 0.27 16.07 6.98
C ARG A 297 -0.32 17.46 6.82
N GLY A 298 -0.95 17.68 5.69
CA GLY A 298 -1.65 18.93 5.43
C GLY A 298 -2.77 19.18 6.44
N ALA A 299 -3.17 20.44 6.55
CA ALA A 299 -4.15 20.86 7.54
C ALA A 299 -5.53 20.23 7.38
N ASN A 300 -5.86 19.83 6.15
CA ASN A 300 -7.15 19.22 5.86
C ASN A 300 -7.16 17.70 5.93
N ALA A 301 -5.99 17.13 6.21
CA ALA A 301 -5.84 15.67 6.30
C ALA A 301 -6.28 15.13 7.64
N GLU A 302 -7.10 14.08 7.58
CA GLU A 302 -7.51 13.33 8.76
C GLU A 302 -6.30 12.65 9.40
N ASP A 303 -6.41 12.31 10.69
CA ASP A 303 -5.33 11.65 11.42
C ASP A 303 -5.24 10.17 11.03
N PRO A 304 -4.19 9.75 10.32
CA PRO A 304 -4.11 8.36 9.88
C PRO A 304 -3.87 7.35 10.99
N VAL A 305 -3.24 7.78 12.08
CA VAL A 305 -3.02 6.91 13.22
C VAL A 305 -4.36 6.53 13.85
N ALA A 306 -5.23 7.53 14.04
CA ALA A 306 -6.56 7.25 14.56
C ALA A 306 -7.40 6.38 13.64
N VAL A 307 -7.28 6.57 12.33
CA VAL A 307 -8.03 5.77 11.38
C VAL A 307 -7.65 4.29 11.51
N ILE A 308 -6.35 4.02 11.57
CA ILE A 308 -5.86 2.65 11.68
C ILE A 308 -6.28 2.03 13.00
N ARG A 309 -6.21 2.82 14.08
CA ARG A 309 -6.59 2.36 15.41
C ARG A 309 -8.06 1.98 15.46
N THR A 310 -8.89 2.85 14.91
CA THR A 310 -10.31 2.60 14.81
C THR A 310 -10.58 1.34 14.00
N HIS A 311 -9.78 1.09 12.98
CA HIS A 311 -9.96 -0.12 12.21
C HIS A 311 -9.59 -1.38 13.00
N ALA A 312 -8.56 -1.31 13.85
CA ALA A 312 -8.28 -2.43 14.73
C ALA A 312 -9.51 -2.72 15.62
N ASN A 313 -10.16 -1.68 16.13
CA ASN A 313 -11.40 -1.87 16.87
C ASN A 313 -12.51 -2.46 16.01
N ARG A 314 -12.61 -2.04 14.76
CA ARG A 314 -13.58 -2.60 13.82
C ARG A 314 -13.36 -4.10 13.66
N LEU A 315 -12.11 -4.50 13.49
CA LEU A 315 -11.77 -5.91 13.39
C LEU A 315 -12.16 -6.67 14.66
N LYS A 316 -11.87 -6.07 15.81
CA LYS A 316 -12.23 -6.67 17.08
C LYS A 316 -13.74 -6.91 17.17
N LEU A 317 -14.53 -5.90 16.84
CA LEU A 317 -15.99 -6.02 16.91
C LEU A 317 -16.55 -6.98 15.86
N ALA A 318 -15.81 -7.20 14.77
CA ALA A 318 -16.21 -8.12 13.72
C ALA A 318 -15.88 -9.58 14.01
N GLY A 319 -15.13 -9.84 15.09
CA GLY A 319 -14.85 -11.20 15.51
C GLY A 319 -13.50 -11.73 15.10
N VAL A 320 -12.63 -10.87 14.59
CA VAL A 320 -11.27 -11.27 14.26
C VAL A 320 -10.22 -10.58 15.13
CA CA B . 2.70 13.82 4.70
C6 2HS C . 5.65 3.82 -9.20
C5 2HS C . 4.14 3.65 -8.85
C4 2HS C . 3.97 3.37 -7.37
C3 2HS C . 2.57 2.93 -6.95
C2 2HS C . 2.47 2.70 -5.43
C1 2HS C . 3.25 1.49 -4.99
P 2HS C . 3.36 1.32 -3.26
O 2HS C . 3.95 -0.01 -2.86
O1 2HS C . 4.24 2.54 -2.72
C7 2HS C . 4.75 2.58 -1.39
C8 2HS C . 5.44 3.91 -1.16
C9 2HS C . 6.05 3.95 0.24
C10 2HS C . 6.42 4.22 -2.28
C11 2HS C . 6.84 5.69 -2.26
C16 2HS C . 6.01 6.65 -2.83
C15 2HS C . 6.37 7.99 -2.80
C14 2HS C . 7.57 8.37 -2.18
C13 2HS C . 8.37 7.40 -1.59
C12 2HS C . 8.01 6.06 -1.63
#